data_4O9E
#
_entry.id   4O9E
#
_cell.length_a   95.788
_cell.length_b   95.788
_cell.length_c   94.679
_cell.angle_alpha   90.00
_cell.angle_beta   90.00
_cell.angle_gamma   90.00
#
_symmetry.space_group_name_H-M   'P 4 21 2'
#
loop_
_entity.id
_entity.type
_entity.pdbx_description
1 polymer QdtA
2 non-polymer "THYMIDINE-5'-DIPHOSPHATE"
3 non-polymer THYMINE
4 non-polymer (2S)-1-[3-[(2S)-2-oxidanylpropoxy]-2-[[(2S)-2-oxidanylpropoxy]methyl]-2-[[(2R)-2-oxidanylpropoxy]methyl]propoxy]propan-2-ol
5 water water
#
_entity_poly.entity_id   1
_entity_poly.type   'polypeptide(L)'
_entity_poly.pdbx_seq_one_letter_code
;MLYNVALIKFKDIADKYGHLTPIEGKIDIPFDIKRVYYITKVDKDITRGYHSHKKLHQVLICLNGSVKIRLKIPDEEKII
ELNDPSVGLYIGPLVWREMFDFTEGCVLLVLASEYYDETDYIRNYDFYIDEAKKRFLEHHHHHH
;
_entity_poly.pdbx_strand_id   A,B
#
# COMPACT_ATOMS: atom_id res chain seq x y z
N MET A 1 23.93 5.97 18.21
CA MET A 1 22.65 5.33 17.76
C MET A 1 21.88 6.04 16.65
N LEU A 2 20.89 5.32 16.13
CA LEU A 2 20.24 5.75 14.90
C LEU A 2 18.89 6.41 15.23
N TYR A 3 19.02 7.72 15.42
CA TYR A 3 17.85 8.58 15.65
C TYR A 3 16.86 8.60 14.49
N ASN A 4 15.62 8.91 14.85
CA ASN A 4 14.54 9.19 13.92
C ASN A 4 14.13 7.99 13.08
N VAL A 5 14.41 6.79 13.59
CA VAL A 5 14.01 5.56 12.93
C VAL A 5 13.31 4.64 13.91
N ALA A 6 12.27 3.95 13.45
CA ALA A 6 11.65 2.93 14.30
C ALA A 6 11.27 1.76 13.42
N LEU A 7 11.17 0.58 14.03
CA LEU A 7 10.46 -0.55 13.41
C LEU A 7 9.09 -0.59 14.07
N ILE A 8 8.04 -0.64 13.27
CA ILE A 8 6.70 -0.65 13.83
C ILE A 8 6.03 -1.99 13.48
N LYS A 9 5.37 -2.57 14.47
CA LYS A 9 4.74 -3.87 14.27
C LYS A 9 3.26 -3.66 14.10
N PHE A 10 2.76 -4.19 12.98
CA PHE A 10 1.35 -4.16 12.64
C PHE A 10 0.64 -5.47 12.96
N LYS A 11 -0.69 -5.42 13.05
CA LYS A 11 -1.43 -6.66 13.12
C LYS A 11 -1.20 -7.50 11.87
N ASP A 12 -1.18 -8.81 12.11
CA ASP A 12 -1.15 -9.80 11.04
C ASP A 12 -2.38 -10.68 11.28
N ILE A 13 -3.40 -10.52 10.46
CA ILE A 13 -4.57 -11.34 10.67
C ILE A 13 -4.45 -12.54 9.72
N ALA A 14 -4.04 -13.67 10.31
CA ALA A 14 -3.60 -14.90 9.66
C ALA A 14 -4.53 -16.06 9.98
N ASP A 15 -5.02 -16.74 8.96
CA ASP A 15 -5.90 -17.90 9.13
C ASP A 15 -5.88 -18.68 7.83
N LYS A 16 -6.85 -19.56 7.65
CA LYS A 16 -6.81 -20.42 6.47
C LYS A 16 -7.09 -19.63 5.19
N TYR A 17 -7.82 -18.52 5.27
CA TYR A 17 -8.00 -17.63 4.11
C TYR A 17 -6.79 -16.79 3.68
N GLY A 18 -5.70 -16.76 4.44
CA GLY A 18 -4.47 -16.05 4.05
C GLY A 18 -4.07 -15.09 5.17
N HIS A 19 -3.27 -14.07 4.87
CA HIS A 19 -2.89 -13.02 5.82
C HIS A 19 -3.35 -11.62 5.38
N LEU A 20 -3.70 -10.77 6.35
CA LEU A 20 -4.23 -9.42 6.11
C LEU A 20 -3.56 -8.54 7.15
N THR A 21 -2.96 -7.44 6.71
CA THR A 21 -2.47 -6.45 7.67
C THR A 21 -3.12 -5.10 7.39
N PRO A 22 -3.81 -4.55 8.40
CA PRO A 22 -4.39 -3.21 8.26
C PRO A 22 -3.48 -2.13 8.85
N ILE A 23 -3.50 -0.94 8.26
CA ILE A 23 -2.80 0.22 8.84
C ILE A 23 -3.70 1.46 8.76
N GLU A 24 -4.11 1.96 9.91
CA GLU A 24 -5.01 3.11 9.96
C GLU A 24 -4.18 4.34 10.28
N GLY A 25 -4.33 5.39 9.47
CA GLY A 25 -3.55 6.58 9.77
C GLY A 25 -3.81 7.13 11.16
N LYS A 26 -2.76 7.66 11.77
CA LYS A 26 -2.80 8.16 13.14
C LYS A 26 -3.01 7.09 14.18
N ILE A 27 -3.36 5.85 13.82
CA ILE A 27 -3.52 4.81 14.84
C ILE A 27 -2.40 3.80 14.80
N ASP A 28 -2.29 3.09 13.68
CA ASP A 28 -1.19 2.14 13.55
C ASP A 28 0.17 2.77 13.26
N ILE A 29 0.09 3.97 12.68
CA ILE A 29 1.22 4.84 12.47
C ILE A 29 0.87 6.23 12.99
N PRO A 30 1.89 7.03 13.33
CA PRO A 30 1.66 8.28 14.06
C PRO A 30 1.11 9.45 13.22
N PHE A 31 1.06 9.32 11.90
CA PHE A 31 0.64 10.41 11.03
C PHE A 31 -0.52 9.99 10.12
N ASP A 32 -1.20 10.97 9.55
CA ASP A 32 -2.21 10.76 8.51
C ASP A 32 -1.54 10.37 7.21
N ILE A 33 -2.16 9.45 6.47
CA ILE A 33 -1.66 9.07 5.16
C ILE A 33 -2.21 10.03 4.10
N LYS A 34 -1.33 10.84 3.52
CA LYS A 34 -1.71 11.69 2.40
C LYS A 34 -1.40 11.07 1.05
N ARG A 35 -0.46 10.13 1.06
CA ARG A 35 0.12 9.61 -0.16
C ARG A 35 0.69 8.24 0.18
N VAL A 36 0.49 7.29 -0.74
CA VAL A 36 1.21 6.02 -0.73
C VAL A 36 1.84 5.90 -2.11
N TYR A 37 2.96 5.22 -2.13
CA TYR A 37 3.57 4.82 -3.39
C TYR A 37 4.23 3.47 -3.19
N TYR A 38 4.52 2.86 -4.33
CA TYR A 38 5.07 1.51 -4.30
C TYR A 38 6.06 1.30 -5.45
N ILE A 39 7.06 0.54 -5.08
CA ILE A 39 8.15 0.23 -6.00
C ILE A 39 8.20 -1.25 -6.28
N THR A 40 8.33 -1.62 -7.55
CA THR A 40 8.28 -2.99 -8.02
C THR A 40 9.26 -3.19 -9.20
N LYS A 41 9.48 -4.44 -9.58
CA LYS A 41 10.24 -4.79 -10.80
C LYS A 41 11.62 -4.16 -10.85
N VAL A 42 12.25 -4.07 -9.69
CA VAL A 42 13.59 -3.50 -9.60
C VAL A 42 14.65 -4.61 -9.83
N ASP A 43 15.57 -4.36 -10.75
CA ASP A 43 16.64 -5.31 -11.07
C ASP A 43 17.59 -5.50 -9.89
N LYS A 44 18.18 -6.69 -9.82
CA LYS A 44 19.00 -7.14 -8.69
C LYS A 44 20.26 -6.35 -8.32
N ASP A 45 20.84 -5.59 -9.22
CA ASP A 45 22.05 -4.86 -8.85
C ASP A 45 21.78 -3.37 -8.78
N ILE A 46 20.51 -2.97 -8.70
CA ILE A 46 20.16 -1.56 -8.67
C ILE A 46 20.22 -1.06 -7.23
N THR A 47 20.66 0.18 -7.06
CA THR A 47 20.47 0.89 -5.81
C THR A 47 19.63 2.17 -6.01
N ARG A 48 18.57 2.23 -5.22
CA ARG A 48 17.53 3.24 -5.32
C ARG A 48 17.76 4.11 -4.10
N GLY A 49 17.19 5.31 -4.11
CA GLY A 49 17.39 6.19 -2.97
C GLY A 49 18.42 7.28 -3.17
N TYR A 50 19.29 7.42 -2.18
CA TYR A 50 20.30 8.49 -2.18
C TYR A 50 19.64 9.84 -1.93
N HIS A 51 18.94 9.91 -0.82
CA HIS A 51 18.37 11.19 -0.42
C HIS A 51 17.86 11.07 0.99
N SER A 52 17.45 12.25 1.45
CA SER A 52 16.80 12.47 2.71
C SER A 52 15.58 13.34 2.45
N HIS A 53 14.90 13.67 3.54
CA HIS A 53 13.81 14.62 3.51
C HIS A 53 13.93 15.57 4.67
N LYS A 54 13.54 16.82 4.38
CA LYS A 54 13.44 17.80 5.45
C LYS A 54 12.25 17.69 6.38
N LYS A 55 11.05 17.46 5.86
CA LYS A 55 9.87 17.51 6.72
C LYS A 55 9.00 16.26 6.65
N LEU A 56 9.17 15.46 5.61
CA LEU A 56 8.32 14.32 5.42
C LEU A 56 8.55 13.29 6.51
N HIS A 57 7.46 12.63 6.90
CA HIS A 57 7.53 11.41 7.69
C HIS A 57 7.01 10.25 6.85
N GLN A 58 7.66 9.09 6.94
CA GLN A 58 7.26 8.01 6.04
C GLN A 58 7.51 6.67 6.75
N VAL A 59 6.77 5.68 6.28
CA VAL A 59 6.92 4.28 6.70
C VAL A 59 7.12 3.40 5.48
N LEU A 60 8.14 2.53 5.57
CA LEU A 60 8.53 1.58 4.52
C LEU A 60 8.12 0.17 4.92
N ILE A 61 7.50 -0.56 3.98
CA ILE A 61 6.99 -1.89 4.23
C ILE A 61 7.27 -2.78 3.01
N CYS A 62 7.93 -3.92 3.24
CA CYS A 62 8.13 -4.85 2.13
C CYS A 62 7.01 -5.90 2.15
N LEU A 63 6.11 -5.82 1.17
CA LEU A 63 4.96 -6.70 1.15
C LEU A 63 5.19 -8.08 0.53
N ASN A 64 6.31 -8.26 -0.17
CA ASN A 64 6.65 -9.54 -0.81
C ASN A 64 8.15 -9.52 -1.03
N GLY A 65 8.82 -10.64 -0.78
CA GLY A 65 10.25 -10.73 -1.04
C GLY A 65 11.04 -10.02 0.04
N SER A 66 12.14 -9.40 -0.34
CA SER A 66 12.99 -8.74 0.64
C SER A 66 13.77 -7.65 -0.07
N VAL A 67 14.11 -6.66 0.75
CA VAL A 67 14.84 -5.48 0.32
C VAL A 67 15.66 -5.00 1.51
N LYS A 68 16.84 -4.48 1.20
CA LYS A 68 17.66 -3.91 2.26
C LYS A 68 17.64 -2.39 2.17
N ILE A 69 17.61 -1.74 3.32
CA ILE A 69 17.57 -0.29 3.45
C ILE A 69 18.80 0.12 4.26
N ARG A 70 19.63 0.89 3.58
CA ARG A 70 20.83 1.47 4.19
C ARG A 70 20.45 2.87 4.65
N LEU A 71 20.52 3.02 5.96
CA LEU A 71 20.22 4.26 6.67
C LEU A 71 21.47 4.87 7.26
N LYS A 72 21.58 6.17 7.11
CA LYS A 72 22.78 6.86 7.57
C LYS A 72 22.38 8.19 8.14
N ILE A 73 23.00 8.53 9.26
CA ILE A 73 23.06 9.90 9.72
C ILE A 73 24.54 10.07 10.06
N PRO A 74 25.02 11.31 10.29
CA PRO A 74 26.45 11.50 10.51
C PRO A 74 26.98 10.54 11.56
N ASP A 75 27.99 9.77 11.17
CA ASP A 75 28.72 8.93 12.12
C ASP A 75 27.97 7.63 12.39
N GLU A 76 26.92 7.29 11.64
CA GLU A 76 26.16 6.14 12.08
C GLU A 76 25.48 5.51 10.89
N GLU A 77 25.59 4.19 10.75
CA GLU A 77 24.99 3.60 9.56
C GLU A 77 24.45 2.24 9.95
N LYS A 78 23.26 1.91 9.44
CA LYS A 78 22.65 0.63 9.73
C LYS A 78 21.95 0.09 8.50
N ILE A 79 22.07 -1.22 8.34
CA ILE A 79 21.38 -1.79 7.22
C ILE A 79 20.23 -2.56 7.84
N ILE A 80 19.02 -2.32 7.34
CA ILE A 80 17.88 -3.13 7.77
C ILE A 80 17.28 -3.90 6.60
N GLU A 81 17.16 -5.22 6.74
CA GLU A 81 16.47 -6.01 5.73
C GLU A 81 14.97 -6.04 6.01
N LEU A 82 14.15 -5.72 5.01
CA LEU A 82 12.71 -5.76 5.23
C LEU A 82 12.20 -6.99 4.47
N ASN A 83 11.54 -7.91 5.19
CA ASN A 83 11.07 -9.11 4.54
C ASN A 83 9.79 -9.61 5.17
N ASP A 84 9.17 -8.79 6.03
CA ASP A 84 7.95 -9.18 6.72
C ASP A 84 6.86 -8.12 6.46
N PRO A 85 5.78 -8.46 5.75
CA PRO A 85 4.78 -7.42 5.50
C PRO A 85 4.08 -6.77 6.71
N SER A 86 4.29 -7.33 7.89
CA SER A 86 3.68 -6.89 9.13
C SER A 86 4.59 -5.95 9.94
N VAL A 87 5.69 -5.53 9.32
CA VAL A 87 6.72 -4.70 9.93
C VAL A 87 7.06 -3.49 9.05
N GLY A 88 6.97 -2.31 9.67
CA GLY A 88 7.14 -1.03 8.98
C GLY A 88 8.39 -0.33 9.44
N LEU A 89 9.10 0.34 8.55
CA LEU A 89 10.28 1.05 9.02
C LEU A 89 9.96 2.53 8.90
N TYR A 90 9.79 3.13 10.07
CA TYR A 90 9.46 4.54 10.12
C TYR A 90 10.79 5.26 9.98
N ILE A 91 10.83 6.22 9.06
CA ILE A 91 11.95 7.12 8.90
C ILE A 91 11.49 8.58 8.96
N GLY A 92 12.04 9.30 9.93
CA GLY A 92 11.74 10.71 10.06
C GLY A 92 12.74 11.55 9.29
N PRO A 93 12.58 12.88 9.37
CA PRO A 93 13.46 13.87 8.77
C PRO A 93 14.94 13.66 9.03
N LEU A 94 15.70 13.95 7.99
CA LEU A 94 17.15 14.10 8.02
C LEU A 94 17.91 12.81 8.25
N VAL A 95 17.32 11.71 7.79
CA VAL A 95 18.03 10.45 7.70
C VAL A 95 18.22 10.21 6.22
N TRP A 96 19.41 9.74 5.87
CA TRP A 96 19.76 9.51 4.49
C TRP A 96 19.44 8.07 4.16
N ARG A 97 18.80 7.79 3.04
CA ARG A 97 18.65 6.37 2.78
C ARG A 97 18.97 5.89 1.38
N GLU A 98 19.25 4.58 1.30
CA GLU A 98 19.51 3.92 0.03
C GLU A 98 18.88 2.55 0.17
N MET A 99 18.35 2.05 -0.95
CA MET A 99 17.66 0.77 -0.92
C MET A 99 18.29 -0.17 -1.96
N PHE A 100 18.53 -1.41 -1.58
CA PHE A 100 19.25 -2.27 -2.52
C PHE A 100 18.87 -3.70 -2.23
N ASP A 101 19.32 -4.59 -3.11
CA ASP A 101 19.08 -6.01 -2.91
C ASP A 101 17.60 -6.34 -2.91
N PHE A 102 16.90 -5.68 -3.85
CA PHE A 102 15.51 -6.02 -4.11
C PHE A 102 15.47 -7.41 -4.73
N THR A 103 14.79 -8.36 -4.10
CA THR A 103 14.61 -9.67 -4.67
C THR A 103 13.58 -9.69 -5.79
N GLU A 104 13.54 -10.85 -6.43
CA GLU A 104 12.66 -11.09 -7.57
C GLU A 104 11.25 -11.11 -7.00
N GLY A 105 10.37 -10.31 -7.58
CA GLY A 105 9.01 -10.09 -7.07
C GLY A 105 8.82 -9.14 -5.89
N CYS A 106 9.88 -8.42 -5.53
CA CYS A 106 9.85 -7.64 -4.29
C CYS A 106 8.84 -6.49 -4.50
N VAL A 107 8.06 -6.17 -3.47
CA VAL A 107 7.15 -5.01 -3.50
C VAL A 107 7.42 -4.18 -2.25
N LEU A 108 7.78 -2.92 -2.46
CA LEU A 108 8.10 -2.01 -1.37
C LEU A 108 7.08 -0.88 -1.46
N LEU A 109 6.32 -0.80 -0.37
CA LEU A 109 5.26 0.19 -0.17
C LEU A 109 5.78 1.25 0.79
N VAL A 110 5.43 2.50 0.48
CA VAL A 110 5.70 3.63 1.35
C VAL A 110 4.43 4.43 1.63
N LEU A 111 4.22 4.71 2.92
CA LEU A 111 3.12 5.55 3.41
C LEU A 111 3.81 6.87 3.74
N ALA A 112 3.27 7.95 3.21
CA ALA A 112 3.87 9.26 3.39
C ALA A 112 2.92 10.29 4.01
N SER A 113 3.48 11.13 4.89
CA SER A 113 2.73 12.18 5.58
C SER A 113 2.36 13.42 4.77
N GLU A 114 2.85 13.55 3.53
CA GLU A 114 2.66 14.74 2.71
C GLU A 114 2.60 14.33 1.26
N TYR A 115 2.00 15.17 0.41
CA TYR A 115 1.99 14.93 -1.02
C TYR A 115 3.43 15.08 -1.50
N TYR A 116 3.79 14.46 -2.62
CA TYR A 116 5.13 14.63 -3.21
C TYR A 116 5.56 16.08 -3.37
N ASP A 117 6.76 16.40 -2.91
CA ASP A 117 7.28 17.77 -2.95
C ASP A 117 8.79 17.69 -3.22
N GLU A 118 9.18 17.85 -4.48
CA GLU A 118 10.59 17.64 -4.84
C GLU A 118 11.47 18.58 -4.04
N THR A 119 10.92 19.67 -3.52
CA THR A 119 11.71 20.64 -2.78
C THR A 119 11.94 20.20 -1.33
N ASP A 120 11.29 19.13 -0.89
CA ASP A 120 11.53 18.68 0.47
C ASP A 120 12.70 17.70 0.48
N TYR A 121 13.07 17.17 -0.69
CA TYR A 121 14.12 16.14 -0.80
C TYR A 121 15.47 16.81 -0.59
N ILE A 122 16.40 16.11 0.04
CA ILE A 122 17.82 16.47 -0.07
C ILE A 122 18.56 15.39 -0.86
N ARG A 123 18.95 15.68 -2.09
CA ARG A 123 19.57 14.70 -2.97
C ARG A 123 21.09 14.88 -3.09
N ASN A 124 21.58 16.03 -2.64
CA ASN A 124 23.00 16.38 -2.63
C ASN A 124 23.58 15.91 -1.31
N TYR A 125 24.43 14.88 -1.39
CA TYR A 125 24.97 14.33 -0.17
C TYR A 125 25.71 15.34 0.69
N ASP A 126 26.43 16.30 0.11
CA ASP A 126 27.17 17.26 0.94
C ASP A 126 26.23 18.23 1.69
N PHE A 127 25.12 18.61 1.05
CA PHE A 127 24.16 19.47 1.74
C PHE A 127 23.45 18.62 2.79
N TYR A 128 23.11 17.36 2.50
CA TYR A 128 22.63 16.48 3.57
C TYR A 128 23.51 16.49 4.84
N ILE A 129 24.80 16.16 4.70
CA ILE A 129 25.67 16.07 5.86
C ILE A 129 25.76 17.43 6.53
N ASP A 130 25.81 18.52 5.80
CA ASP A 130 25.83 19.83 6.48
C ASP A 130 24.57 20.09 7.32
N GLU A 131 23.41 19.69 6.80
CA GLU A 131 22.17 19.97 7.53
C GLU A 131 22.05 18.99 8.69
N ALA A 132 22.45 17.74 8.47
CA ALA A 132 22.36 16.73 9.52
C ALA A 132 23.36 16.96 10.64
N LYS A 133 24.57 17.41 10.31
CA LYS A 133 25.49 17.75 11.40
C LYS A 133 24.86 18.80 12.30
N LYS A 134 24.15 19.77 11.76
CA LYS A 134 23.55 20.81 12.60
C LYS A 134 22.54 20.26 13.61
N ARG A 135 21.76 19.27 13.17
CA ARG A 135 20.74 18.63 13.98
C ARG A 135 21.32 17.62 14.98
N PHE A 136 22.11 16.65 14.51
CA PHE A 136 22.46 15.50 15.36
C PHE A 136 23.69 15.74 16.22
N LEU A 137 24.53 16.69 15.87
CA LEU A 137 25.71 16.97 16.66
C LEU A 137 25.38 18.13 17.62
N MET B 1 -24.94 -3.38 -16.80
CA MET B 1 -24.28 -2.20 -16.16
C MET B 1 -23.73 -2.56 -14.79
N LEU B 2 -22.41 -2.59 -14.66
CA LEU B 2 -21.81 -2.71 -13.33
C LEU B 2 -21.61 -1.34 -12.72
N TYR B 3 -22.69 -0.84 -12.12
CA TYR B 3 -22.61 0.40 -11.41
C TYR B 3 -21.59 0.37 -10.26
N ASN B 4 -21.17 1.57 -9.87
CA ASN B 4 -20.37 1.83 -8.68
C ASN B 4 -18.95 1.27 -8.68
N VAL B 5 -18.44 1.00 -9.87
CA VAL B 5 -17.15 0.36 -10.09
C VAL B 5 -16.43 1.12 -11.21
N ALA B 6 -15.14 1.33 -11.04
CA ALA B 6 -14.28 1.88 -12.09
C ALA B 6 -12.87 1.34 -12.06
N LEU B 7 -12.19 1.43 -13.21
CA LEU B 7 -10.78 1.08 -13.24
C LEU B 7 -10.03 2.39 -13.39
N ILE B 8 -9.12 2.66 -12.46
CA ILE B 8 -8.41 3.95 -12.40
C ILE B 8 -6.95 3.69 -12.76
N LYS B 9 -6.40 4.50 -13.65
CA LYS B 9 -5.02 4.36 -14.10
C LYS B 9 -4.13 5.37 -13.41
N PHE B 10 -3.08 4.83 -12.79
CA PHE B 10 -2.09 5.60 -12.06
C PHE B 10 -0.85 5.80 -12.92
N LYS B 11 -0.06 6.81 -12.59
CA LYS B 11 1.25 6.96 -13.19
C LYS B 11 2.08 5.74 -12.87
N ASP B 12 2.93 5.41 -13.83
CA ASP B 12 3.95 4.38 -13.69
C ASP B 12 5.27 5.03 -14.10
N ILE B 13 6.11 5.32 -13.10
CA ILE B 13 7.39 5.99 -13.33
C ILE B 13 8.45 4.91 -13.38
N ALA B 14 8.83 4.62 -14.61
CA ALA B 14 9.77 3.54 -14.87
C ALA B 14 10.99 3.99 -15.70
N ASP B 15 12.14 3.45 -15.31
CA ASP B 15 13.37 3.63 -16.03
C ASP B 15 14.20 2.43 -15.59
N LYS B 16 15.52 2.54 -15.63
CA LYS B 16 16.34 1.36 -15.31
C LYS B 16 16.41 1.06 -13.81
N TYR B 17 15.92 1.98 -12.99
CA TYR B 17 15.91 1.77 -11.55
C TYR B 17 14.66 1.05 -11.05
N GLY B 18 13.71 0.77 -11.93
CA GLY B 18 12.53 -0.01 -11.60
C GLY B 18 11.24 0.73 -11.94
N HIS B 19 10.17 0.33 -11.26
CA HIS B 19 8.89 1.02 -11.39
C HIS B 19 8.38 1.60 -10.08
N LEU B 20 7.67 2.73 -10.15
CA LEU B 20 7.21 3.48 -8.98
C LEU B 20 5.87 4.09 -9.38
N THR B 21 4.81 3.71 -8.67
CA THR B 21 3.49 4.33 -8.77
C THR B 21 3.15 5.05 -7.47
N PRO B 22 2.92 6.38 -7.55
CA PRO B 22 2.44 7.14 -6.41
C PRO B 22 0.92 7.35 -6.53
N ILE B 23 0.29 7.39 -5.37
CA ILE B 23 -1.15 7.65 -5.28
C ILE B 23 -1.42 8.68 -4.18
N GLU B 24 -1.87 9.87 -4.54
CA GLU B 24 -2.14 10.91 -3.57
C GLU B 24 -3.64 10.99 -3.31
N GLY B 25 -3.97 10.93 -2.02
CA GLY B 25 -5.33 11.07 -1.55
C GLY B 25 -6.01 12.30 -2.14
N LYS B 26 -7.24 12.13 -2.65
CA LYS B 26 -8.03 13.17 -3.31
C LYS B 26 -7.54 13.65 -4.65
N ILE B 27 -6.37 13.19 -5.07
CA ILE B 27 -5.83 13.58 -6.34
C ILE B 27 -5.87 12.44 -7.34
N ASP B 28 -5.09 11.39 -7.11
CA ASP B 28 -5.14 10.19 -7.93
C ASP B 28 -6.36 9.32 -7.72
N ILE B 29 -6.97 9.40 -6.54
CA ILE B 29 -8.21 8.71 -6.31
C ILE B 29 -9.09 9.80 -5.75
N PRO B 30 -10.41 9.58 -5.76
CA PRO B 30 -11.34 10.66 -5.38
C PRO B 30 -11.49 10.93 -3.88
N PHE B 31 -10.98 10.06 -3.03
CA PHE B 31 -11.17 10.21 -1.60
C PHE B 31 -9.83 10.26 -0.86
N ASP B 32 -9.91 10.63 0.40
CA ASP B 32 -8.77 10.70 1.29
C ASP B 32 -8.49 9.30 1.82
N ILE B 33 -7.22 8.96 1.94
CA ILE B 33 -6.87 7.63 2.45
C ILE B 33 -6.85 7.63 3.95
N LYS B 34 -7.84 7.03 4.61
CA LYS B 34 -7.80 6.88 6.05
C LYS B 34 -7.09 5.63 6.54
N ARG B 35 -7.07 4.66 5.63
CA ARG B 35 -6.60 3.32 6.00
C ARG B 35 -6.13 2.62 4.74
N VAL B 36 -5.07 1.83 4.91
CA VAL B 36 -4.69 0.88 3.87
C VAL B 36 -4.68 -0.52 4.49
N TYR B 37 -4.92 -1.50 3.63
CA TYR B 37 -4.62 -2.88 4.05
C TYR B 37 -4.18 -3.70 2.86
N TYR B 38 -3.55 -4.81 3.22
CA TYR B 38 -3.03 -5.68 2.20
C TYR B 38 -3.06 -7.15 2.63
N ILE B 39 -3.33 -7.95 1.60
CA ILE B 39 -3.64 -9.37 1.75
C ILE B 39 -2.50 -10.07 1.02
N THR B 40 -1.85 -11.02 1.68
CA THR B 40 -0.73 -11.77 1.10
C THR B 40 -0.90 -13.27 1.44
N LYS B 41 -0.16 -14.11 0.72
CA LYS B 41 0.01 -15.53 1.03
C LYS B 41 -1.31 -16.26 1.04
N VAL B 42 -2.11 -16.00 0.02
CA VAL B 42 -3.41 -16.65 -0.02
C VAL B 42 -3.18 -17.95 -0.80
N ASP B 43 -3.75 -19.05 -0.33
CA ASP B 43 -3.61 -20.34 -1.02
C ASP B 43 -4.49 -20.34 -2.25
N LYS B 44 -4.08 -21.16 -3.20
CA LYS B 44 -4.55 -21.07 -4.58
C LYS B 44 -6.03 -21.35 -4.77
N ASP B 45 -6.62 -22.10 -3.83
CA ASP B 45 -8.02 -22.48 -3.98
C ASP B 45 -8.89 -21.74 -2.97
N ILE B 46 -8.35 -20.68 -2.38
CA ILE B 46 -9.15 -19.80 -1.50
C ILE B 46 -9.89 -18.75 -2.32
N THR B 47 -11.18 -18.60 -2.01
CA THR B 47 -11.95 -17.40 -2.30
C THR B 47 -12.08 -16.61 -1.00
N ARG B 48 -11.79 -15.31 -1.00
CA ARG B 48 -12.14 -14.55 0.19
C ARG B 48 -12.98 -13.33 -0.17
N GLY B 49 -13.42 -12.57 0.83
CA GLY B 49 -14.35 -11.47 0.58
C GLY B 49 -15.72 -11.92 1.04
N TYR B 50 -16.70 -11.97 0.14
CA TYR B 50 -18.06 -12.33 0.53
C TYR B 50 -18.62 -11.22 1.40
N HIS B 51 -18.57 -9.99 0.88
CA HIS B 51 -19.10 -8.82 1.56
C HIS B 51 -19.29 -7.61 0.66
N SER B 52 -20.09 -6.68 1.16
CA SER B 52 -20.27 -5.35 0.65
C SER B 52 -20.09 -4.40 1.83
N HIS B 53 -20.09 -3.12 1.47
CA HIS B 53 -20.16 -2.04 2.45
C HIS B 53 -21.25 -1.06 2.07
N LYS B 54 -21.73 -0.42 3.12
CA LYS B 54 -22.76 0.60 2.98
C LYS B 54 -22.22 1.99 2.64
N LYS B 55 -21.11 2.40 3.25
CA LYS B 55 -20.63 3.77 3.10
C LYS B 55 -19.18 3.84 2.63
N LEU B 56 -18.37 2.79 2.78
CA LEU B 56 -16.96 2.85 2.43
C LEU B 56 -16.72 2.93 0.92
N HIS B 57 -15.76 3.75 0.53
CA HIS B 57 -15.19 3.76 -0.81
C HIS B 57 -13.79 3.15 -0.71
N GLN B 58 -13.44 2.37 -1.73
CA GLN B 58 -12.21 1.57 -1.70
C GLN B 58 -11.62 1.46 -3.09
N VAL B 59 -10.31 1.29 -3.12
CA VAL B 59 -9.56 0.99 -4.36
C VAL B 59 -8.66 -0.22 -4.13
N LEU B 60 -8.82 -1.21 -5.01
CA LEU B 60 -8.04 -2.45 -4.96
C LEU B 60 -6.93 -2.42 -5.99
N ILE B 61 -5.74 -2.84 -5.59
CA ILE B 61 -4.59 -2.77 -6.47
C ILE B 61 -3.74 -4.04 -6.31
N CYS B 62 -3.54 -4.75 -7.43
CA CYS B 62 -2.70 -5.97 -7.34
C CYS B 62 -1.28 -5.58 -7.67
N LEU B 63 -0.43 -5.59 -6.64
CA LEU B 63 0.96 -5.10 -6.75
C LEU B 63 2.01 -6.14 -7.17
N ASN B 64 1.62 -7.41 -7.13
CA ASN B 64 2.45 -8.52 -7.63
C ASN B 64 1.52 -9.64 -8.03
N GLY B 65 1.87 -10.40 -9.07
CA GLY B 65 1.08 -11.60 -9.28
C GLY B 65 -0.26 -11.20 -9.88
N SER B 66 -1.27 -12.02 -9.61
CA SER B 66 -2.58 -11.75 -10.14
C SER B 66 -3.64 -12.30 -9.18
N VAL B 67 -4.81 -11.66 -9.25
CA VAL B 67 -5.95 -12.04 -8.43
C VAL B 67 -7.23 -11.73 -9.22
N LYS B 68 -8.28 -12.52 -9.07
CA LYS B 68 -9.50 -12.19 -9.80
C LYS B 68 -10.49 -11.72 -8.78
N ILE B 69 -11.18 -10.67 -9.19
CA ILE B 69 -12.21 -10.08 -8.33
C ILE B 69 -13.54 -10.31 -9.01
N ARG B 70 -14.44 -10.95 -8.26
CA ARG B 70 -15.79 -11.19 -8.73
C ARG B 70 -16.67 -10.15 -8.07
N LEU B 71 -17.38 -9.41 -8.91
CA LEU B 71 -18.19 -8.33 -8.43
C LEU B 71 -19.65 -8.64 -8.72
N LYS B 72 -20.51 -8.52 -7.72
CA LYS B 72 -21.92 -8.69 -7.99
C LYS B 72 -22.73 -7.51 -7.48
N ILE B 73 -23.71 -7.17 -8.30
CA ILE B 73 -24.92 -6.51 -7.83
C ILE B 73 -26.16 -7.31 -8.27
N PRO B 74 -27.35 -6.98 -7.72
CA PRO B 74 -28.53 -7.67 -8.24
C PRO B 74 -28.60 -7.76 -9.75
N ASP B 75 -28.41 -8.99 -10.21
CA ASP B 75 -28.63 -9.44 -11.58
C ASP B 75 -27.40 -9.26 -12.46
N GLU B 76 -26.32 -8.67 -11.96
CA GLU B 76 -25.08 -8.69 -12.74
C GLU B 76 -23.97 -9.25 -11.87
N GLU B 77 -23.00 -9.83 -12.57
CA GLU B 77 -21.79 -10.39 -11.98
C GLU B 77 -20.76 -10.16 -13.07
N LYS B 78 -19.60 -9.61 -12.71
CA LYS B 78 -18.46 -9.42 -13.62
C LYS B 78 -17.18 -9.85 -12.92
N ILE B 79 -16.26 -10.41 -13.69
CA ILE B 79 -15.01 -10.85 -13.08
C ILE B 79 -13.93 -9.98 -13.68
N ILE B 80 -13.10 -9.39 -12.83
CA ILE B 80 -12.01 -8.52 -13.26
C ILE B 80 -10.74 -9.13 -12.69
N GLU B 81 -9.77 -9.37 -13.57
CA GLU B 81 -8.49 -9.85 -13.10
C GLU B 81 -7.60 -8.63 -12.90
N LEU B 82 -6.93 -8.54 -11.75
CA LEU B 82 -6.01 -7.44 -11.54
C LEU B 82 -4.62 -8.05 -11.60
N ASN B 83 -3.75 -7.44 -12.38
CA ASN B 83 -2.42 -7.96 -12.62
C ASN B 83 -1.45 -6.87 -13.06
N ASP B 84 -1.81 -5.61 -12.88
CA ASP B 84 -0.96 -4.47 -13.21
C ASP B 84 -0.88 -3.50 -12.02
N PRO B 85 0.32 -3.16 -11.53
CA PRO B 85 0.24 -2.32 -10.34
C PRO B 85 -0.17 -0.87 -10.58
N SER B 86 -0.08 -0.40 -11.83
CA SER B 86 -0.53 0.94 -12.15
C SER B 86 -2.05 1.03 -12.32
N VAL B 87 -2.81 -0.04 -12.08
CA VAL B 87 -4.26 0.03 -12.24
C VAL B 87 -5.02 -0.27 -10.97
N GLY B 88 -5.95 0.60 -10.61
CA GLY B 88 -6.73 0.34 -9.41
C GLY B 88 -8.20 0.14 -9.71
N LEU B 89 -8.81 -0.71 -8.91
CA LEU B 89 -10.22 -1.00 -9.09
C LEU B 89 -10.99 -0.29 -8.02
N TYR B 90 -11.68 0.78 -8.41
CA TYR B 90 -12.56 1.52 -7.51
C TYR B 90 -13.87 0.75 -7.37
N ILE B 91 -14.24 0.51 -6.12
CA ILE B 91 -15.52 -0.08 -5.77
C ILE B 91 -16.22 0.80 -4.77
N GLY B 92 -17.40 1.25 -5.19
CA GLY B 92 -18.32 1.99 -4.34
C GLY B 92 -19.17 1.18 -3.38
N PRO B 93 -20.10 1.83 -2.67
CA PRO B 93 -20.95 1.11 -1.74
C PRO B 93 -21.92 0.20 -2.48
N LEU B 94 -22.35 -0.86 -1.81
CA LEU B 94 -23.41 -1.74 -2.27
C LEU B 94 -23.00 -2.56 -3.47
N VAL B 95 -21.70 -2.80 -3.65
CA VAL B 95 -21.25 -3.80 -4.61
C VAL B 95 -20.72 -4.94 -3.74
N TRP B 96 -21.08 -6.18 -4.11
CA TRP B 96 -20.66 -7.38 -3.40
C TRP B 96 -19.40 -7.85 -4.11
N ARG B 97 -18.41 -8.26 -3.32
CA ARG B 97 -17.22 -8.82 -3.91
C ARG B 97 -16.72 -10.10 -3.24
N GLU B 98 -16.00 -10.82 -4.10
CA GLU B 98 -15.36 -12.03 -3.67
C GLU B 98 -14.08 -11.99 -4.46
N MET B 99 -13.02 -12.54 -3.89
CA MET B 99 -11.75 -12.58 -4.58
C MET B 99 -11.15 -13.98 -4.56
N PHE B 100 -10.56 -14.37 -5.68
CA PHE B 100 -10.09 -15.74 -5.86
C PHE B 100 -8.96 -15.83 -6.87
N ASP B 101 -8.36 -17.02 -6.95
CA ASP B 101 -7.27 -17.22 -7.89
C ASP B 101 -6.10 -16.25 -7.64
N PHE B 102 -5.75 -16.12 -6.37
CA PHE B 102 -4.58 -15.35 -5.97
C PHE B 102 -3.46 -16.28 -6.38
N THR B 103 -2.51 -15.74 -7.14
CA THR B 103 -1.29 -16.43 -7.47
C THR B 103 -0.34 -16.39 -6.28
N GLU B 104 0.75 -17.14 -6.43
CA GLU B 104 1.92 -17.04 -5.55
C GLU B 104 2.75 -15.86 -6.01
N GLY B 105 3.51 -15.10 -5.21
CA GLY B 105 3.12 -14.32 -4.05
C GLY B 105 2.46 -13.02 -4.52
N CYS B 106 1.17 -13.18 -4.81
CA CYS B 106 0.22 -12.14 -5.10
C CYS B 106 0.13 -11.17 -3.92
N VAL B 107 0.11 -9.87 -4.23
CA VAL B 107 -0.10 -8.86 -3.20
C VAL B 107 -1.28 -7.99 -3.57
N LEU B 108 -2.30 -7.87 -2.74
CA LEU B 108 -3.50 -7.12 -3.06
C LEU B 108 -3.58 -6.02 -1.99
N LEU B 109 -3.48 -4.77 -2.43
CA LEU B 109 -3.47 -3.60 -1.55
C LEU B 109 -4.82 -2.95 -1.73
N VAL B 110 -5.40 -2.53 -0.61
CA VAL B 110 -6.65 -1.79 -0.63
C VAL B 110 -6.45 -0.44 0.05
N LEU B 111 -6.94 0.60 -0.62
CA LEU B 111 -6.95 1.95 -0.08
C LEU B 111 -8.43 2.17 0.27
N ALA B 112 -8.62 2.60 1.50
CA ALA B 112 -9.95 2.82 2.04
C ALA B 112 -10.23 4.23 2.59
N SER B 113 -11.45 4.67 2.35
CA SER B 113 -11.93 6.01 2.72
C SER B 113 -12.25 6.21 4.18
N GLU B 114 -12.33 5.14 4.94
CA GLU B 114 -12.72 5.16 6.36
C GLU B 114 -11.95 4.13 7.18
N TYR B 115 -11.82 4.43 8.47
CA TYR B 115 -11.32 3.43 9.37
C TYR B 115 -12.23 2.18 9.37
N TYR B 116 -11.63 1.06 9.76
CA TYR B 116 -12.33 -0.21 9.87
C TYR B 116 -13.50 -0.02 10.81
N ASP B 117 -14.67 -0.36 10.28
CA ASP B 117 -15.94 -0.39 11.00
C ASP B 117 -16.76 -1.62 10.60
N GLU B 118 -16.70 -2.66 11.44
CA GLU B 118 -17.46 -3.89 11.22
C GLU B 118 -18.94 -3.62 10.93
N THR B 119 -19.53 -2.62 11.56
CA THR B 119 -20.94 -2.33 11.38
C THR B 119 -21.27 -1.81 9.98
N ASP B 120 -20.27 -1.36 9.22
CA ASP B 120 -20.52 -0.90 7.85
C ASP B 120 -20.47 -2.05 6.84
N TYR B 121 -20.02 -3.23 7.28
CA TYR B 121 -20.03 -4.42 6.42
C TYR B 121 -21.39 -5.10 6.39
N ILE B 122 -21.76 -5.57 5.21
CA ILE B 122 -22.88 -6.47 5.00
C ILE B 122 -22.22 -7.81 4.69
N ARG B 123 -22.24 -8.75 5.62
CA ARG B 123 -21.68 -10.10 5.38
C ARG B 123 -22.71 -11.18 5.05
N ASN B 124 -23.98 -10.83 5.23
CA ASN B 124 -25.12 -11.69 4.85
C ASN B 124 -25.62 -11.45 3.43
N TYR B 125 -25.42 -12.42 2.55
CA TYR B 125 -25.78 -12.24 1.15
C TYR B 125 -27.27 -11.91 0.99
N ASP B 126 -28.12 -12.49 1.82
CA ASP B 126 -29.55 -12.15 1.81
C ASP B 126 -29.90 -10.72 2.21
N PHE B 127 -29.31 -10.22 3.28
CA PHE B 127 -29.44 -8.79 3.63
C PHE B 127 -28.91 -7.93 2.47
N TYR B 128 -27.76 -8.34 1.94
CA TYR B 128 -27.14 -7.65 0.81
C TYR B 128 -28.15 -7.44 -0.31
N ILE B 129 -28.69 -8.53 -0.83
CA ILE B 129 -29.66 -8.48 -1.91
C ILE B 129 -30.84 -7.59 -1.59
N ASP B 130 -31.23 -7.68 -0.33
CA ASP B 130 -32.39 -6.96 0.17
C ASP B 130 -32.08 -5.46 0.11
N GLU B 131 -30.88 -5.02 0.51
CA GLU B 131 -30.57 -3.58 0.52
C GLU B 131 -30.27 -3.06 -0.87
N ALA B 132 -29.51 -3.86 -1.60
CA ALA B 132 -29.17 -3.64 -3.00
C ALA B 132 -30.34 -3.58 -3.98
N LYS B 133 -31.39 -4.35 -3.75
CA LYS B 133 -32.44 -4.39 -4.76
C LYS B 133 -33.15 -3.05 -4.78
N LYS B 134 -33.26 -2.45 -3.59
CA LYS B 134 -33.78 -1.10 -3.39
C LYS B 134 -33.01 0.01 -4.11
N ARG B 135 -31.70 -0.17 -4.18
CA ARG B 135 -30.79 0.77 -4.80
C ARG B 135 -30.77 0.57 -6.31
N PHE B 136 -30.51 -0.66 -6.76
CA PHE B 136 -30.29 -0.91 -8.18
C PHE B 136 -31.49 -1.24 -9.05
N LEU B 137 -32.70 -1.34 -8.50
CA LEU B 137 -33.83 -1.69 -9.36
C LEU B 137 -34.91 -0.62 -9.27
#